data_9G0K
#
_entry.id   9G0K
#
_cell.length_a   99.610
_cell.length_b   103.120
_cell.length_c   49.960
_cell.angle_alpha   90.00
_cell.angle_beta   90.00
_cell.angle_gamma   90.00
#
_symmetry.space_group_name_H-M   'P 21 21 2'
#
loop_
_entity.id
_entity.type
_entity.pdbx_description
1 polymer 'SAM-dependent methyltransferase'
2 non-polymer S-ADENOSYL-L-HOMOCYSTEINE
3 non-polymer 1,2-ETHANEDIOL
4 water water
#
_entity_poly.entity_id   1
_entity_poly.type   'polypeptide(L)'
_entity_poly.pdbx_seq_one_letter_code
;GSTYDALRRQLIPSFDLLYGSAVSVVAMSVPATARILDLGAGTGLLGAALRERLPDAELLLQDRSQAMLEQARQRFADDD
QVAIRVADHLDELPAGPFDAVVSALSIHHLEHQDKQDLFTRIRKILRPGGIFVNVEQVLAPTSELEKMYDRQHEAHVLAS
DTPAEEWAAGRERMKHDIPIDVETQIQWLRDAGFTTADCLAKDWRFATYAGWNGS
;
_entity_poly.pdbx_strand_id   A,B
#
loop_
_chem_comp.id
_chem_comp.type
_chem_comp.name
_chem_comp.formula
EDO non-polymer 1,2-ETHANEDIOL 'C2 H6 O2'
SAH non-polymer S-ADENOSYL-L-HOMOCYSTEINE 'C14 H20 N6 O5 S'
#
# COMPACT_ATOMS: atom_id res chain seq x y z
N THR A 3 -22.25 -8.69 13.38
CA THR A 3 -21.33 -9.87 13.43
C THR A 3 -20.65 -10.03 12.07
N TYR A 4 -21.39 -9.77 10.99
CA TYR A 4 -20.90 -9.77 9.58
C TYR A 4 -19.79 -8.73 9.43
N ASP A 5 -19.97 -7.55 10.02
CA ASP A 5 -19.00 -6.41 10.00
C ASP A 5 -17.66 -6.84 10.62
N ALA A 6 -17.71 -7.61 11.71
CA ALA A 6 -16.52 -8.06 12.47
C ALA A 6 -15.76 -9.08 11.62
N LEU A 7 -16.50 -9.99 10.97
CA LEU A 7 -15.91 -11.08 10.15
C LEU A 7 -15.17 -10.52 8.93
N ARG A 8 -15.63 -9.40 8.37
CA ARG A 8 -14.93 -8.78 7.21
C ARG A 8 -13.59 -8.21 7.69
N ARG A 9 -13.60 -7.57 8.87
CA ARG A 9 -12.38 -7.00 9.53
C ARG A 9 -11.35 -8.12 9.76
N GLN A 10 -11.86 -9.31 10.11
CA GLN A 10 -11.05 -10.54 10.37
C GLN A 10 -10.48 -11.14 9.08
N LEU A 11 -11.22 -11.10 7.95
CA LEU A 11 -10.83 -11.73 6.66
C LEU A 11 -10.01 -10.80 5.74
N ILE A 12 -9.91 -9.51 6.07
CA ILE A 12 -9.27 -8.51 5.17
C ILE A 12 -8.24 -7.76 6.00
N PRO A 13 -6.94 -7.97 5.75
CA PRO A 13 -5.90 -7.13 6.35
C PRO A 13 -6.14 -5.64 6.13
N SER A 14 -5.66 -4.83 7.10
CA SER A 14 -5.65 -3.34 7.07
C SER A 14 -6.97 -2.78 6.59
N PHE A 15 -8.09 -3.34 7.09
CA PHE A 15 -9.48 -3.04 6.62
C PHE A 15 -9.67 -1.52 6.64
N ASP A 16 -9.32 -0.87 7.78
CA ASP A 16 -9.57 0.56 8.05
C ASP A 16 -8.78 1.38 7.03
N LEU A 17 -7.50 1.08 6.91
CA LEU A 17 -6.58 1.78 5.98
C LEU A 17 -7.18 1.74 4.57
N LEU A 18 -7.61 0.56 4.12
CA LEU A 18 -7.92 0.36 2.69
C LEU A 18 -9.32 0.93 2.42
N TYR A 19 -10.30 0.64 3.29
CA TYR A 19 -11.68 1.16 3.12
C TYR A 19 -11.66 2.67 3.31
N GLY A 20 -10.91 3.11 4.34
CA GLY A 20 -10.76 4.51 4.69
C GLY A 20 -10.17 5.26 3.54
N SER A 21 -9.23 4.65 2.83
CA SER A 21 -8.51 5.37 1.76
C SER A 21 -9.49 5.55 0.62
N ALA A 22 -10.45 4.65 0.45
CA ALA A 22 -11.48 4.82 -0.60
C ALA A 22 -12.43 5.97 -0.23
N VAL A 23 -12.85 6.02 1.03
CA VAL A 23 -13.67 7.13 1.59
C VAL A 23 -12.91 8.46 1.40
N SER A 24 -11.67 8.55 1.77
CA SER A 24 -10.94 9.84 1.74
C SER A 24 -10.70 10.33 0.30
N VAL A 25 -10.21 9.42 -0.59
CA VAL A 25 -9.94 9.87 -1.99
C VAL A 25 -11.25 10.37 -2.61
N VAL A 26 -12.40 9.74 -2.32
CA VAL A 26 -13.70 10.22 -2.86
C VAL A 26 -14.06 11.57 -2.20
N ALA A 27 -13.96 11.69 -0.88
CA ALA A 27 -14.27 12.98 -0.17
C ALA A 27 -13.34 14.13 -0.61
N MET A 28 -12.14 13.88 -1.13
CA MET A 28 -11.28 15.01 -1.60
C MET A 28 -11.44 15.16 -3.12
N SER A 29 -12.24 14.32 -3.79
CA SER A 29 -12.41 14.36 -5.27
C SER A 29 -13.78 14.94 -5.65
N VAL A 30 -14.81 14.80 -4.79
CA VAL A 30 -16.23 15.00 -5.19
C VAL A 30 -16.89 15.94 -4.22
N PRO A 31 -17.93 16.66 -4.62
CA PRO A 31 -18.71 17.47 -3.68
C PRO A 31 -19.49 16.70 -2.63
N ALA A 32 -19.81 17.34 -1.50
CA ALA A 32 -20.68 16.76 -0.45
C ALA A 32 -21.97 16.16 -1.03
N THR A 33 -22.56 16.78 -2.04
CA THR A 33 -23.83 16.34 -2.68
C THR A 33 -23.59 15.45 -3.94
N ALA A 34 -22.50 14.69 -3.96
CA ALA A 34 -22.12 13.84 -5.10
C ALA A 34 -23.14 12.70 -5.27
N ARG A 35 -23.29 12.23 -6.51
CA ARG A 35 -24.07 11.02 -6.90
C ARG A 35 -23.05 9.88 -7.12
N ILE A 36 -23.18 8.85 -6.28
CA ILE A 36 -22.19 7.75 -6.19
C ILE A 36 -22.87 6.42 -6.53
N LEU A 37 -22.19 5.59 -7.32
CA LEU A 37 -22.61 4.22 -7.64
C LEU A 37 -21.67 3.23 -6.96
N ASP A 38 -22.22 2.30 -6.16
CA ASP A 38 -21.43 1.23 -5.49
C ASP A 38 -21.66 -0.08 -6.24
N LEU A 39 -20.66 -0.54 -6.99
CA LEU A 39 -20.73 -1.74 -7.85
C LEU A 39 -20.33 -2.95 -7.03
N GLY A 40 -21.18 -3.98 -7.11
CA GLY A 40 -21.09 -5.15 -6.23
C GLY A 40 -20.97 -4.74 -4.77
N ALA A 41 -21.92 -3.94 -4.28
CA ALA A 41 -21.91 -3.41 -2.90
C ALA A 41 -22.17 -4.49 -1.84
N GLY A 42 -22.82 -5.60 -2.21
CA GLY A 42 -23.14 -6.66 -1.24
C GLY A 42 -24.00 -6.14 -0.10
N THR A 43 -23.57 -6.34 1.15
CA THR A 43 -24.31 -5.80 2.32
C THR A 43 -24.09 -4.30 2.44
N GLY A 44 -23.29 -3.70 1.55
CA GLY A 44 -23.22 -2.24 1.39
C GLY A 44 -22.35 -1.59 2.46
N LEU A 45 -21.25 -2.27 2.81
CA LEU A 45 -20.29 -1.75 3.81
C LEU A 45 -19.57 -0.50 3.25
N LEU A 46 -19.18 -0.53 1.97
CA LEU A 46 -18.44 0.63 1.41
C LEU A 46 -19.40 1.82 1.32
N GLY A 47 -20.64 1.59 0.90
CA GLY A 47 -21.68 2.63 1.02
C GLY A 47 -21.74 3.20 2.44
N ALA A 48 -21.72 2.34 3.45
CA ALA A 48 -21.79 2.74 4.87
C ALA A 48 -20.66 3.71 5.16
N ALA A 49 -19.43 3.31 4.88
CA ALA A 49 -18.26 4.15 5.17
C ALA A 49 -18.41 5.48 4.39
N LEU A 50 -18.86 5.42 3.15
CA LEU A 50 -19.04 6.66 2.36
C LEU A 50 -20.07 7.56 3.05
N ARG A 51 -21.24 7.03 3.45
CA ARG A 51 -22.36 7.82 4.06
C ARG A 51 -21.88 8.42 5.38
N GLU A 52 -21.12 7.65 6.17
CA GLU A 52 -20.52 8.19 7.42
C GLU A 52 -19.71 9.45 7.13
N ARG A 53 -19.11 9.56 5.94
CA ARG A 53 -18.23 10.72 5.63
C ARG A 53 -19.06 11.85 5.00
N LEU A 54 -20.05 11.45 4.22
CA LEU A 54 -20.73 12.31 3.23
C LEU A 54 -22.26 12.18 3.42
N PRO A 55 -22.80 12.81 4.49
CA PRO A 55 -24.21 12.61 4.79
C PRO A 55 -25.21 13.02 3.70
N ASP A 56 -24.81 13.92 2.78
CA ASP A 56 -25.68 14.62 1.80
C ASP A 56 -25.50 13.97 0.44
N ALA A 57 -24.70 12.90 0.31
CA ALA A 57 -24.43 12.30 -1.01
C ALA A 57 -25.55 11.30 -1.37
N GLU A 58 -25.85 11.18 -2.66
CA GLU A 58 -26.91 10.23 -3.14
C GLU A 58 -26.24 8.95 -3.60
N LEU A 59 -26.53 7.82 -2.94
CA LEU A 59 -25.80 6.55 -3.19
C LEU A 59 -26.73 5.58 -3.94
N LEU A 60 -26.27 5.06 -5.09
CA LEU A 60 -26.93 3.89 -5.73
C LEU A 60 -26.08 2.64 -5.43
N LEU A 61 -26.67 1.62 -4.76
CA LEU A 61 -26.05 0.30 -4.43
C LEU A 61 -26.48 -0.73 -5.47
N GLN A 62 -25.54 -1.32 -6.20
CA GLN A 62 -25.92 -2.27 -7.26
C GLN A 62 -25.24 -3.61 -6.97
N ASP A 63 -25.89 -4.74 -7.29
CA ASP A 63 -25.27 -6.07 -7.06
C ASP A 63 -26.13 -7.11 -7.74
N ARG A 64 -25.56 -8.25 -8.18
CA ARG A 64 -26.42 -9.32 -8.84
C ARG A 64 -27.24 -10.10 -7.81
N SER A 65 -26.83 -10.10 -6.54
CA SER A 65 -27.46 -10.91 -5.46
C SER A 65 -28.49 -10.09 -4.68
N GLN A 66 -29.77 -10.43 -4.85
CA GLN A 66 -30.93 -9.88 -4.12
C GLN A 66 -30.75 -10.16 -2.63
N ALA A 67 -30.22 -11.32 -2.24
CA ALA A 67 -30.02 -11.64 -0.79
C ALA A 67 -29.01 -10.69 -0.18
N MET A 68 -27.96 -10.37 -0.92
CA MET A 68 -26.91 -9.47 -0.37
C MET A 68 -27.52 -8.07 -0.24
N LEU A 69 -28.21 -7.61 -1.29
CA LEU A 69 -28.81 -6.25 -1.26
C LEU A 69 -29.93 -6.15 -0.21
N GLU A 70 -30.59 -7.23 0.15
CA GLU A 70 -31.57 -7.11 1.27
C GLU A 70 -30.82 -6.80 2.58
N GLN A 71 -29.59 -7.27 2.74
CA GLN A 71 -28.74 -6.90 3.91
C GLN A 71 -28.46 -5.39 3.81
N ALA A 72 -28.15 -4.88 2.60
CA ALA A 72 -27.87 -3.45 2.33
C ALA A 72 -29.09 -2.62 2.68
N ARG A 73 -30.24 -3.08 2.20
CA ARG A 73 -31.56 -2.40 2.41
C ARG A 73 -31.77 -2.26 3.91
N GLN A 74 -31.43 -3.31 4.70
CA GLN A 74 -31.64 -3.34 6.19
C GLN A 74 -30.79 -2.23 6.82
N ARG A 75 -29.52 -2.14 6.42
CA ARG A 75 -28.50 -1.19 6.94
C ARG A 75 -28.92 0.26 6.66
N PHE A 76 -29.60 0.48 5.54
CA PHE A 76 -29.96 1.83 5.01
C PHE A 76 -31.49 2.05 5.09
N ALA A 77 -32.16 1.33 6.00
CA ALA A 77 -33.63 1.31 6.15
C ALA A 77 -34.20 2.74 6.11
N ASP A 78 -33.64 3.66 6.90
CA ASP A 78 -34.25 4.99 7.19
C ASP A 78 -33.45 6.13 6.50
N ASP A 79 -32.81 5.81 5.36
CA ASP A 79 -32.07 6.80 4.55
C ASP A 79 -32.87 7.05 3.25
N ASP A 80 -33.10 8.30 2.88
CA ASP A 80 -33.96 8.69 1.72
C ASP A 80 -33.11 8.85 0.46
N GLN A 81 -31.80 8.97 0.64
CA GLN A 81 -30.87 9.31 -0.46
C GLN A 81 -30.15 8.05 -0.94
N VAL A 82 -30.76 6.87 -0.77
CA VAL A 82 -30.13 5.54 -1.05
C VAL A 82 -31.11 4.75 -1.95
N ALA A 83 -30.76 4.48 -3.21
CA ALA A 83 -31.50 3.46 -4.01
C ALA A 83 -30.67 2.19 -4.12
N ILE A 84 -31.36 1.14 -4.58
CA ILE A 84 -30.81 -0.22 -4.81
C ILE A 84 -31.11 -0.63 -6.24
N ARG A 85 -30.16 -1.24 -6.91
CA ARG A 85 -30.40 -1.74 -8.31
C ARG A 85 -29.86 -3.19 -8.40
N VAL A 86 -30.74 -4.13 -8.68
CA VAL A 86 -30.39 -5.56 -8.96
C VAL A 86 -29.81 -5.62 -10.37
N ALA A 87 -28.52 -5.86 -10.53
CA ALA A 87 -27.88 -5.92 -11.87
C ALA A 87 -26.54 -6.66 -11.81
N ASP A 88 -26.19 -7.39 -12.87
CA ASP A 88 -24.81 -7.93 -13.08
C ASP A 88 -23.91 -6.78 -13.58
N HIS A 89 -22.63 -6.79 -13.21
CA HIS A 89 -21.57 -5.91 -13.78
C HIS A 89 -21.65 -5.98 -15.31
N LEU A 90 -22.02 -7.12 -15.88
CA LEU A 90 -22.02 -7.27 -17.37
C LEU A 90 -23.28 -6.70 -18.03
N ASP A 91 -24.30 -6.35 -17.24
CA ASP A 91 -25.54 -5.66 -17.68
C ASP A 91 -25.26 -4.16 -17.84
N GLU A 92 -26.03 -3.52 -18.71
CA GLU A 92 -26.01 -2.07 -19.01
C GLU A 92 -25.99 -1.36 -17.66
N LEU A 93 -24.97 -0.55 -17.44
CA LEU A 93 -24.82 0.29 -16.23
C LEU A 93 -25.93 1.35 -16.17
N PRO A 94 -26.25 1.89 -14.97
CA PRO A 94 -27.21 2.99 -14.89
C PRO A 94 -26.62 4.23 -15.56
N ALA A 95 -27.49 5.09 -16.10
CA ALA A 95 -27.14 6.22 -17.00
C ALA A 95 -26.34 7.24 -16.21
N GLY A 96 -26.77 7.56 -14.99
CA GLY A 96 -26.15 8.68 -14.24
C GLY A 96 -26.35 9.99 -14.97
N PRO A 97 -25.37 10.90 -15.05
CA PRO A 97 -23.98 10.64 -14.64
C PRO A 97 -23.67 10.62 -13.13
N PHE A 98 -22.48 10.11 -12.77
CA PHE A 98 -22.05 9.89 -11.39
C PHE A 98 -20.73 10.65 -11.15
N ASP A 99 -20.64 11.20 -9.94
CA ASP A 99 -19.44 11.95 -9.52
C ASP A 99 -18.37 10.91 -9.25
N ALA A 100 -18.79 9.69 -8.82
CA ALA A 100 -17.90 8.62 -8.31
C ALA A 100 -18.52 7.26 -8.62
N VAL A 101 -17.70 6.29 -9.04
CA VAL A 101 -18.10 4.86 -9.00
C VAL A 101 -17.09 4.16 -8.11
N VAL A 102 -17.58 3.41 -7.16
CA VAL A 102 -16.74 2.80 -6.10
C VAL A 102 -17.05 1.32 -6.13
N SER A 103 -16.07 0.53 -5.76
CA SER A 103 -16.21 -0.94 -5.69
C SER A 103 -15.27 -1.52 -4.64
N ALA A 104 -15.69 -2.58 -3.96
CA ALA A 104 -14.87 -3.37 -3.01
C ALA A 104 -15.09 -4.87 -3.28
N LEU A 105 -13.99 -5.52 -3.63
CA LEU A 105 -13.86 -6.98 -3.59
C LEU A 105 -14.94 -7.60 -4.50
N SER A 106 -15.16 -7.05 -5.71
CA SER A 106 -16.18 -7.61 -6.63
C SER A 106 -15.68 -7.90 -8.06
N ILE A 107 -15.02 -6.91 -8.66
CA ILE A 107 -14.53 -6.93 -10.08
C ILE A 107 -13.54 -8.09 -10.29
N HIS A 108 -12.78 -8.53 -9.25
CA HIS A 108 -11.87 -9.70 -9.36
C HIS A 108 -12.66 -10.99 -9.68
N HIS A 109 -14.00 -10.97 -9.68
CA HIS A 109 -14.85 -12.14 -10.06
C HIS A 109 -15.09 -12.15 -11.55
N LEU A 110 -14.75 -11.08 -12.26
CA LEU A 110 -14.90 -11.06 -13.73
C LEU A 110 -13.68 -11.71 -14.47
N GLU A 111 -13.91 -12.18 -15.70
CA GLU A 111 -12.79 -12.55 -16.63
C GLU A 111 -12.03 -11.27 -16.98
N HIS A 112 -10.73 -11.33 -17.20
CA HIS A 112 -9.83 -10.16 -17.45
C HIS A 112 -10.41 -9.20 -18.50
N GLN A 113 -10.88 -9.79 -19.63
CA GLN A 113 -11.44 -9.02 -20.77
C GLN A 113 -12.65 -8.24 -20.28
N ASP A 114 -13.53 -8.91 -19.50
CA ASP A 114 -14.72 -8.21 -18.97
C ASP A 114 -14.31 -7.16 -17.91
N LYS A 115 -13.15 -7.30 -17.29
CA LYS A 115 -12.65 -6.20 -16.40
C LYS A 115 -12.28 -4.98 -17.25
N GLN A 116 -11.52 -5.19 -18.31
CA GLN A 116 -11.23 -4.08 -19.28
C GLN A 116 -12.52 -3.48 -19.90
N ASP A 117 -13.59 -4.24 -20.09
CA ASP A 117 -14.80 -3.70 -20.79
C ASP A 117 -15.56 -2.85 -19.78
N LEU A 118 -15.51 -3.28 -18.51
CA LEU A 118 -16.19 -2.57 -17.41
C LEU A 118 -15.50 -1.21 -17.16
N PHE A 119 -14.17 -1.13 -17.07
CA PHE A 119 -13.54 0.19 -16.75
C PHE A 119 -13.93 1.21 -17.81
N THR A 120 -13.84 0.85 -19.11
CA THR A 120 -14.32 1.70 -20.23
C THR A 120 -15.79 2.09 -20.07
N ARG A 121 -16.71 1.16 -19.80
CA ARG A 121 -18.13 1.54 -19.59
C ARG A 121 -18.25 2.43 -18.33
N ILE A 122 -17.46 2.20 -17.28
CA ILE A 122 -17.57 3.02 -16.01
C ILE A 122 -17.21 4.48 -16.37
N ARG A 123 -16.25 4.68 -17.26
CA ARG A 123 -15.82 6.08 -17.56
C ARG A 123 -16.93 6.84 -18.29
N LYS A 124 -17.71 6.16 -19.13
CA LYS A 124 -18.85 6.73 -19.92
C LYS A 124 -19.92 7.31 -18.97
N ILE A 125 -20.15 6.73 -17.79
CA ILE A 125 -21.27 7.21 -16.91
C ILE A 125 -20.69 8.15 -15.83
N LEU A 126 -19.38 8.38 -15.82
CA LEU A 126 -18.69 9.33 -14.92
C LEU A 126 -18.72 10.72 -15.57
N ARG A 127 -19.13 11.74 -14.82
CA ARG A 127 -18.99 13.14 -15.29
C ARG A 127 -17.51 13.43 -15.41
N PRO A 128 -17.13 14.51 -16.13
CA PRO A 128 -15.75 15.03 -16.13
C PRO A 128 -15.22 15.41 -14.73
N GLY A 129 -14.01 14.97 -14.41
CA GLY A 129 -13.39 15.08 -13.07
C GLY A 129 -13.86 13.96 -12.13
N GLY A 130 -14.76 13.07 -12.58
CA GLY A 130 -15.27 11.98 -11.75
C GLY A 130 -14.17 11.02 -11.39
N ILE A 131 -14.41 10.17 -10.40
CA ILE A 131 -13.40 9.20 -9.88
C ILE A 131 -13.97 7.79 -9.91
N PHE A 132 -13.10 6.82 -10.23
CA PHE A 132 -13.32 5.36 -10.00
C PHE A 132 -12.34 4.88 -8.95
N VAL A 133 -12.88 4.27 -7.89
CA VAL A 133 -12.15 3.79 -6.67
C VAL A 133 -12.48 2.30 -6.50
N ASN A 134 -11.44 1.45 -6.51
CA ASN A 134 -11.56 -0.01 -6.30
C ASN A 134 -10.73 -0.44 -5.12
N VAL A 135 -11.38 -1.11 -4.18
CA VAL A 135 -10.71 -1.81 -3.04
C VAL A 135 -10.69 -3.30 -3.33
N GLU A 136 -9.50 -3.84 -3.61
CA GLU A 136 -9.46 -5.01 -4.51
C GLU A 136 -8.48 -6.04 -3.97
N GLN A 137 -8.83 -7.32 -4.24
CA GLN A 137 -7.93 -8.49 -4.09
C GLN A 137 -7.05 -8.60 -5.35
N VAL A 138 -5.73 -8.49 -5.19
CA VAL A 138 -4.77 -8.47 -6.32
C VAL A 138 -3.87 -9.70 -6.20
N LEU A 139 -3.43 -10.23 -7.33
CA LEU A 139 -2.40 -11.30 -7.44
C LEU A 139 -1.03 -10.62 -7.32
N ALA A 140 -0.07 -11.20 -6.60
CA ALA A 140 1.38 -10.91 -6.75
C ALA A 140 1.85 -11.11 -8.20
N PRO A 141 2.92 -10.42 -8.63
CA PRO A 141 3.42 -10.56 -9.99
C PRO A 141 4.19 -11.85 -10.34
N THR A 142 4.54 -12.71 -9.39
CA THR A 142 5.23 -14.03 -9.59
C THR A 142 4.66 -15.05 -8.60
N SER A 143 4.75 -16.33 -8.95
CA SER A 143 4.16 -17.41 -8.14
C SER A 143 4.93 -17.49 -6.83
N GLU A 144 6.21 -17.15 -6.83
CA GLU A 144 6.98 -17.12 -5.55
C GLU A 144 6.37 -16.07 -4.62
N LEU A 145 6.10 -14.87 -5.14
CA LEU A 145 5.50 -13.76 -4.34
C LEU A 145 4.05 -14.06 -3.93
N GLU A 146 3.28 -14.67 -4.81
CA GLU A 146 1.88 -15.06 -4.48
C GLU A 146 1.85 -15.91 -3.21
N LYS A 147 2.84 -16.81 -3.04
CA LYS A 147 2.95 -17.65 -1.82
C LYS A 147 3.24 -16.77 -0.58
N MET A 148 4.09 -15.75 -0.71
CA MET A 148 4.36 -14.76 0.37
C MET A 148 3.10 -13.94 0.70
N TYR A 149 2.42 -13.45 -0.30
CA TYR A 149 1.11 -12.75 -0.16
C TYR A 149 0.16 -13.61 0.66
N ASP A 150 0.13 -14.90 0.38
CA ASP A 150 -0.82 -15.85 0.99
C ASP A 150 -0.43 -16.03 2.46
N ARG A 151 0.86 -16.20 2.77
CA ARG A 151 1.29 -16.33 4.20
C ARG A 151 0.96 -15.04 4.97
N GLN A 152 0.99 -13.87 4.31
CA GLN A 152 0.70 -12.60 5.01
C GLN A 152 -0.78 -12.47 5.28
N HIS A 153 -1.61 -12.88 4.25
CA HIS A 153 -3.07 -12.85 4.46
C HIS A 153 -3.43 -13.81 5.59
N GLU A 154 -2.81 -14.95 5.64
CA GLU A 154 -3.12 -16.06 6.58
C GLU A 154 -2.59 -15.67 7.94
N ALA A 155 -1.44 -14.97 8.03
CA ALA A 155 -1.00 -14.32 9.31
C ALA A 155 -2.10 -13.42 9.84
N HIS A 156 -2.63 -12.49 8.99
CA HIS A 156 -3.63 -11.53 9.56
C HIS A 156 -4.86 -12.27 10.09
N VAL A 157 -5.32 -13.28 9.40
CA VAL A 157 -6.59 -14.02 9.72
C VAL A 157 -6.44 -14.68 11.10
N LEU A 158 -5.31 -15.35 11.35
CA LEU A 158 -5.03 -16.10 12.60
C LEU A 158 -4.75 -15.15 13.76
N ALA A 159 -4.06 -14.03 13.53
CA ALA A 159 -3.85 -13.01 14.57
C ALA A 159 -5.20 -12.37 14.96
N SER A 160 -6.19 -12.48 14.07
CA SER A 160 -7.57 -11.90 14.24
C SER A 160 -8.51 -12.91 14.88
N ASP A 161 -8.05 -14.13 15.10
CA ASP A 161 -8.79 -15.21 15.82
C ASP A 161 -10.06 -15.53 15.03
N THR A 162 -9.89 -15.78 13.74
CA THR A 162 -10.97 -16.11 12.78
C THR A 162 -11.53 -17.47 13.09
N PRO A 163 -12.87 -17.63 13.27
CA PRO A 163 -13.46 -18.96 13.36
C PRO A 163 -12.99 -19.78 12.16
N ALA A 164 -12.27 -20.88 12.39
CA ALA A 164 -11.71 -21.76 11.34
C ALA A 164 -12.78 -22.08 10.28
N GLU A 165 -14.00 -22.41 10.69
CA GLU A 165 -15.07 -22.80 9.71
C GLU A 165 -15.14 -21.70 8.64
N GLU A 166 -15.02 -20.43 9.08
CA GLU A 166 -15.16 -19.22 8.22
C GLU A 166 -13.91 -19.03 7.35
N TRP A 167 -12.71 -19.36 7.84
CA TRP A 167 -11.47 -19.28 7.01
C TRP A 167 -11.45 -20.41 5.97
N ALA A 168 -12.00 -21.57 6.32
CA ALA A 168 -12.08 -22.70 5.37
C ALA A 168 -13.04 -22.32 4.22
N ALA A 169 -14.17 -21.66 4.53
CA ALA A 169 -15.15 -21.19 3.52
C ALA A 169 -14.45 -20.18 2.61
N GLY A 170 -13.78 -19.21 3.25
CA GLY A 170 -12.95 -18.15 2.63
C GLY A 170 -12.06 -18.76 1.57
N ARG A 171 -11.30 -19.79 1.94
CA ARG A 171 -10.39 -20.51 1.01
C ARG A 171 -11.16 -20.98 -0.22
N GLU A 172 -12.36 -21.56 -0.06
CA GLU A 172 -13.15 -22.21 -1.16
C GLU A 172 -13.69 -21.13 -2.12
N ARG A 173 -14.34 -20.07 -1.61
CA ARG A 173 -14.82 -18.91 -2.43
C ARG A 173 -13.67 -18.45 -3.34
N MET A 174 -12.43 -18.50 -2.82
CA MET A 174 -11.21 -17.95 -3.47
C MET A 174 -10.75 -18.82 -4.65
N LYS A 175 -11.22 -20.06 -4.86
CA LYS A 175 -10.67 -20.84 -6.01
C LYS A 175 -11.51 -20.55 -7.27
N HIS A 176 -12.53 -19.67 -7.19
CA HIS A 176 -13.31 -19.19 -8.36
C HIS A 176 -12.83 -17.80 -8.77
N ASP A 177 -12.11 -17.10 -7.88
CA ASP A 177 -11.59 -15.73 -8.15
C ASP A 177 -10.72 -15.67 -9.41
N ILE A 178 -10.65 -14.50 -10.05
CA ILE A 178 -9.82 -14.25 -11.27
C ILE A 178 -8.99 -12.98 -11.06
N PRO A 179 -8.24 -12.86 -9.97
CA PRO A 179 -7.56 -11.61 -9.69
C PRO A 179 -6.40 -11.29 -10.65
N ILE A 180 -5.78 -10.10 -10.57
CA ILE A 180 -4.53 -9.80 -11.32
C ILE A 180 -3.73 -8.79 -10.54
N ASP A 181 -2.45 -8.66 -10.91
CA ASP A 181 -1.53 -7.69 -10.24
C ASP A 181 -2.19 -6.32 -10.26
N VAL A 182 -1.78 -5.46 -9.34
CA VAL A 182 -2.41 -4.14 -9.21
C VAL A 182 -1.92 -3.21 -10.34
N GLU A 183 -0.68 -3.33 -10.83
CA GLU A 183 -0.21 -2.48 -11.98
C GLU A 183 -0.86 -2.91 -13.31
N THR A 184 -1.15 -4.18 -13.56
CA THR A 184 -1.93 -4.50 -14.79
C THR A 184 -3.27 -3.72 -14.76
N GLN A 185 -4.01 -3.84 -13.67
CA GLN A 185 -5.38 -3.24 -13.54
C GLN A 185 -5.35 -1.72 -13.74
N ILE A 186 -4.42 -1.06 -13.05
CA ILE A 186 -4.15 0.41 -13.10
C ILE A 186 -3.81 0.89 -14.52
N GLN A 187 -2.95 0.16 -15.23
CA GLN A 187 -2.69 0.36 -16.69
C GLN A 187 -4.01 0.27 -17.46
N TRP A 188 -4.92 -0.68 -17.17
CA TRP A 188 -6.22 -0.85 -17.90
C TRP A 188 -7.12 0.37 -17.74
N LEU A 189 -7.08 1.01 -16.57
CA LEU A 189 -7.68 2.34 -16.31
C LEU A 189 -7.15 3.30 -17.36
N ARG A 190 -5.81 3.26 -17.61
CA ARG A 190 -5.18 4.29 -18.50
C ARG A 190 -5.66 3.97 -19.90
N ASP A 191 -5.69 2.68 -20.26
CA ASP A 191 -6.19 2.26 -21.60
C ASP A 191 -7.65 2.68 -21.77
N ALA A 192 -8.47 2.60 -20.71
CA ALA A 192 -9.91 2.88 -20.84
C ALA A 192 -10.12 4.38 -20.98
N GLY A 193 -9.06 5.18 -20.78
CA GLY A 193 -9.01 6.63 -21.01
C GLY A 193 -9.00 7.44 -19.72
N PHE A 194 -8.86 6.84 -18.55
CA PHE A 194 -8.73 7.68 -17.31
C PHE A 194 -7.40 8.43 -17.41
N THR A 195 -7.43 9.73 -17.19
CA THR A 195 -6.23 10.59 -17.42
C THR A 195 -5.18 10.33 -16.35
N THR A 196 -5.59 9.99 -15.12
CA THR A 196 -4.66 9.73 -13.97
C THR A 196 -5.16 8.49 -13.23
N ALA A 197 -4.25 7.54 -12.90
CA ALA A 197 -4.54 6.29 -12.16
C ALA A 197 -3.45 6.05 -11.13
N ASP A 198 -3.79 5.69 -9.88
CA ASP A 198 -2.77 5.60 -8.80
C ASP A 198 -3.15 4.50 -7.80
N CYS A 199 -2.16 3.84 -7.21
CA CYS A 199 -2.41 2.89 -6.10
C CYS A 199 -2.22 3.64 -4.81
N LEU A 200 -3.31 3.93 -4.07
CA LEU A 200 -3.28 4.83 -2.89
C LEU A 200 -2.72 4.10 -1.67
N ALA A 201 -3.24 2.91 -1.41
CA ALA A 201 -2.82 2.16 -0.21
C ALA A 201 -2.76 0.69 -0.55
N LYS A 202 -1.92 -0.09 0.14
CA LYS A 202 -1.74 -1.54 -0.14
C LYS A 202 -1.30 -2.29 1.07
N ASP A 203 -1.83 -3.47 1.28
CA ASP A 203 -1.34 -4.47 2.27
C ASP A 203 -1.24 -5.83 1.57
N TRP A 204 -0.15 -6.01 0.81
CA TRP A 204 0.17 -7.25 0.05
C TRP A 204 -0.96 -7.61 -0.92
N ARG A 205 -1.82 -8.57 -0.56
CA ARG A 205 -2.93 -9.08 -1.42
C ARG A 205 -4.07 -8.05 -1.60
N PHE A 206 -4.15 -7.02 -0.75
CA PHE A 206 -5.26 -6.05 -0.87
C PHE A 206 -4.72 -4.63 -1.14
N ALA A 207 -5.42 -3.89 -2.00
CA ALA A 207 -5.00 -2.53 -2.40
C ALA A 207 -6.23 -1.68 -2.71
N THR A 208 -6.12 -0.38 -2.50
CA THR A 208 -7.05 0.66 -2.97
C THR A 208 -6.42 1.43 -4.13
N TYR A 209 -6.94 1.27 -5.32
CA TYR A 209 -6.50 2.12 -6.46
C TYR A 209 -7.66 2.97 -6.96
N ALA A 210 -7.32 4.03 -7.71
CA ALA A 210 -8.33 4.99 -8.23
C ALA A 210 -7.94 5.46 -9.64
N GLY A 211 -8.90 5.90 -10.42
CA GLY A 211 -8.57 6.61 -11.67
C GLY A 211 -9.48 7.77 -11.86
N TRP A 212 -8.99 8.86 -12.43
CA TRP A 212 -9.77 10.12 -12.58
C TRP A 212 -10.02 10.36 -14.06
N ASN A 213 -11.22 10.81 -14.40
CA ASN A 213 -11.66 11.11 -15.79
C ASN A 213 -11.49 12.60 -16.10
N GLY A 214 -10.28 13.06 -16.34
CA GLY A 214 -10.09 14.44 -16.81
C GLY A 214 -8.95 15.09 -16.07
N SER A 215 -8.93 14.91 -14.73
CA SER A 215 -7.87 15.45 -13.82
C SER A 215 -6.66 14.48 -13.70
N THR B 3 10.98 7.59 23.64
CA THR B 3 10.97 9.02 23.31
C THR B 3 10.92 9.09 21.77
N TYR B 4 12.11 8.92 21.16
CA TYR B 4 12.43 8.95 19.70
C TYR B 4 11.48 8.00 18.95
N ASP B 5 11.31 6.78 19.47
CA ASP B 5 10.63 5.65 18.80
C ASP B 5 9.13 5.98 18.65
N ALA B 6 8.54 6.61 19.66
CA ALA B 6 7.11 7.02 19.71
C ALA B 6 6.84 8.13 18.70
N LEU B 7 7.76 9.11 18.68
CA LEU B 7 7.72 10.29 17.78
C LEU B 7 7.81 9.86 16.29
N ARG B 8 8.53 8.79 15.93
CA ARG B 8 8.56 8.26 14.51
C ARG B 8 7.21 7.66 14.16
N ARG B 9 6.57 6.96 15.10
CA ARG B 9 5.21 6.35 14.95
C ARG B 9 4.20 7.48 14.70
N GLN B 10 4.44 8.63 15.32
CA GLN B 10 3.58 9.84 15.21
C GLN B 10 3.79 10.49 13.82
N LEU B 11 5.02 10.53 13.30
CA LEU B 11 5.39 11.31 12.07
C LEU B 11 5.16 10.47 10.80
N ILE B 12 4.82 9.19 10.92
CA ILE B 12 4.89 8.24 9.77
C ILE B 12 3.62 7.41 9.84
N PRO B 13 2.65 7.60 8.92
CA PRO B 13 1.50 6.70 8.81
C PRO B 13 1.95 5.25 8.56
N SER B 14 1.07 4.35 9.01
CA SER B 14 1.14 2.88 8.89
C SER B 14 2.55 2.39 9.23
N PHE B 15 3.20 2.91 10.28
CA PHE B 15 4.55 2.53 10.73
C PHE B 15 4.61 0.99 10.84
N ASP B 16 3.70 0.39 11.59
CA ASP B 16 3.74 -1.06 11.90
C ASP B 16 3.59 -1.84 10.59
N LEU B 17 2.63 -1.48 9.75
CA LEU B 17 2.48 -2.16 8.44
C LEU B 17 3.79 -2.03 7.62
N LEU B 18 4.42 -0.84 7.63
CA LEU B 18 5.44 -0.53 6.60
C LEU B 18 6.77 -1.12 7.01
N TYR B 19 7.18 -0.88 8.26
CA TYR B 19 8.42 -1.51 8.77
C TYR B 19 8.21 -3.03 8.81
N GLY B 20 7.02 -3.45 9.24
CA GLY B 20 6.66 -4.86 9.44
C GLY B 20 6.79 -5.61 8.15
N SER B 21 6.36 -4.99 7.05
CA SER B 21 6.37 -5.63 5.72
C SER B 21 7.83 -5.77 5.29
N ALA B 22 8.73 -4.91 5.74
CA ALA B 22 10.18 -4.93 5.43
C ALA B 22 10.82 -6.12 6.15
N VAL B 23 10.41 -6.34 7.42
CA VAL B 23 10.87 -7.45 8.29
C VAL B 23 10.39 -8.72 7.64
N SER B 24 9.10 -8.80 7.33
CA SER B 24 8.48 -10.06 6.86
C SER B 24 8.97 -10.46 5.48
N VAL B 25 9.18 -9.53 4.55
CA VAL B 25 9.70 -9.91 3.19
C VAL B 25 11.15 -10.40 3.33
N VAL B 26 11.94 -9.81 4.22
CA VAL B 26 13.33 -10.27 4.47
C VAL B 26 13.29 -11.69 5.10
N ALA B 27 12.48 -11.88 6.14
CA ALA B 27 12.38 -13.16 6.86
C ALA B 27 11.90 -14.28 5.91
N MET B 28 11.15 -13.99 4.85
CA MET B 28 10.71 -15.09 3.93
C MET B 28 11.68 -15.21 2.74
N SER B 29 12.74 -14.42 2.68
CA SER B 29 13.62 -14.28 1.49
C SER B 29 14.99 -14.84 1.79
N VAL B 30 15.43 -14.79 3.04
CA VAL B 30 16.85 -15.02 3.45
C VAL B 30 16.88 -16.06 4.57
N PRO B 31 18.01 -16.74 4.75
CA PRO B 31 18.18 -17.60 5.92
C PRO B 31 18.31 -16.86 7.26
N ALA B 32 18.06 -17.57 8.37
CA ALA B 32 18.14 -17.11 9.77
C ALA B 32 19.52 -16.48 10.01
N THR B 33 20.55 -17.07 9.38
CA THR B 33 21.94 -16.59 9.52
C THR B 33 22.34 -15.63 8.39
N ALA B 34 21.41 -14.87 7.79
CA ALA B 34 21.73 -13.95 6.67
C ALA B 34 22.63 -12.82 7.17
N ARG B 35 23.45 -12.29 6.25
CA ARG B 35 24.21 -11.04 6.43
C ARG B 35 23.39 -9.88 5.83
N ILE B 36 23.08 -8.87 6.64
CA ILE B 36 22.20 -7.73 6.25
C ILE B 36 22.97 -6.40 6.39
N LEU B 37 22.86 -5.56 5.36
CA LEU B 37 23.28 -4.15 5.39
C LEU B 37 22.06 -3.22 5.54
N ASP B 38 22.09 -2.32 6.53
CA ASP B 38 21.02 -1.30 6.68
C ASP B 38 21.62 0.04 6.23
N LEU B 39 21.17 0.56 5.09
CA LEU B 39 21.71 1.82 4.46
C LEU B 39 20.95 3.01 5.03
N GLY B 40 21.66 4.05 5.37
CA GLY B 40 21.05 5.17 6.13
C GLY B 40 20.28 4.65 7.33
N ALA B 41 20.91 3.88 8.19
CA ALA B 41 20.29 3.16 9.33
C ALA B 41 19.89 4.10 10.47
N GLY B 42 20.40 5.33 10.48
CA GLY B 42 19.96 6.31 11.47
C GLY B 42 20.33 5.85 12.89
N THR B 43 19.37 5.97 13.81
CA THR B 43 19.40 5.34 15.16
C THR B 43 19.14 3.84 15.03
N GLY B 44 18.87 3.34 13.82
CA GLY B 44 18.93 1.90 13.54
C GLY B 44 17.64 1.18 13.96
N LEU B 45 16.50 1.88 13.74
CA LEU B 45 15.17 1.30 14.07
C LEU B 45 14.84 0.13 13.12
N LEU B 46 15.18 0.22 11.86
CA LEU B 46 14.89 -0.93 10.96
C LEU B 46 15.71 -2.16 11.39
N GLY B 47 17.00 -1.95 11.65
CA GLY B 47 17.90 -2.98 12.19
C GLY B 47 17.36 -3.63 13.46
N ALA B 48 16.86 -2.83 14.42
CA ALA B 48 16.18 -3.35 15.62
C ALA B 48 15.08 -4.32 15.21
N ALA B 49 14.17 -3.88 14.35
CA ALA B 49 13.00 -4.69 13.89
C ALA B 49 13.49 -6.02 13.37
N LEU B 50 14.52 -5.92 12.52
CA LEU B 50 15.10 -7.10 11.85
C LEU B 50 15.72 -8.06 12.89
N ARG B 51 16.46 -7.53 13.85
CA ARG B 51 17.13 -8.34 14.94
C ARG B 51 16.04 -9.02 15.79
N GLU B 52 15.00 -8.29 16.19
CA GLU B 52 13.82 -8.89 16.88
C GLU B 52 13.33 -10.12 16.08
N ARG B 53 13.39 -10.14 14.74
CA ARG B 53 12.82 -11.24 13.92
C ARG B 53 13.89 -12.33 13.68
N LEU B 54 15.15 -11.93 13.61
CA LEU B 54 16.29 -12.76 13.14
C LEU B 54 17.45 -12.63 14.14
N PRO B 55 17.39 -13.32 15.30
CA PRO B 55 18.42 -13.16 16.32
C PRO B 55 19.84 -13.62 15.91
N ASP B 56 19.92 -14.47 14.91
CA ASP B 56 21.20 -15.04 14.40
C ASP B 56 21.67 -14.32 13.12
N ALA B 57 21.02 -13.26 12.69
CA ALA B 57 21.51 -12.50 11.52
C ALA B 57 22.66 -11.55 11.88
N GLU B 58 23.57 -11.33 10.93
CA GLU B 58 24.74 -10.42 11.09
C GLU B 58 24.31 -9.09 10.49
N LEU B 59 24.30 -8.01 11.28
CA LEU B 59 23.81 -6.68 10.86
C LEU B 59 24.99 -5.73 10.66
N LEU B 60 25.08 -5.09 9.50
CA LEU B 60 25.99 -3.93 9.32
C LEU B 60 25.14 -2.67 9.10
N LEU B 61 25.26 -1.69 10.01
CA LEU B 61 24.49 -0.40 10.01
C LEU B 61 25.36 0.70 9.42
N GLN B 62 24.95 1.32 8.32
CA GLN B 62 25.82 2.31 7.66
C GLN B 62 25.07 3.62 7.55
N ASP B 63 25.75 4.74 7.75
CA ASP B 63 25.09 6.08 7.75
C ASP B 63 26.16 7.16 7.69
N ARG B 64 25.86 8.29 7.00
CA ARG B 64 26.84 9.39 6.88
C ARG B 64 26.92 10.16 8.22
N SER B 65 25.87 10.17 9.05
CA SER B 65 25.77 10.95 10.30
C SER B 65 26.23 10.12 11.51
N GLN B 66 27.36 10.54 12.10
CA GLN B 66 28.00 9.91 13.28
C GLN B 66 27.12 10.15 14.50
N ALA B 67 26.45 11.30 14.55
CA ALA B 67 25.53 11.61 15.67
C ALA B 67 24.37 10.62 15.63
N MET B 68 23.90 10.26 14.43
CA MET B 68 22.76 9.27 14.30
C MET B 68 23.27 7.92 14.82
N LEU B 69 24.43 7.51 14.33
CA LEU B 69 25.03 6.20 14.65
C LEU B 69 25.38 6.10 16.14
N GLU B 70 25.67 7.21 16.83
CA GLU B 70 25.82 7.20 18.31
C GLU B 70 24.55 6.62 18.94
N GLN B 71 23.39 7.02 18.44
CA GLN B 71 22.06 6.53 18.95
C GLN B 71 21.95 5.03 18.66
N ALA B 72 22.36 4.58 17.46
CA ALA B 72 22.40 3.17 17.02
C ALA B 72 23.32 2.37 17.92
N ARG B 73 24.52 2.87 18.14
CA ARG B 73 25.50 2.23 19.06
C ARG B 73 24.84 2.02 20.44
N GLN B 74 24.08 3.01 20.95
CA GLN B 74 23.41 2.92 22.28
C GLN B 74 22.39 1.78 22.27
N ARG B 75 21.59 1.67 21.21
CA ARG B 75 20.47 0.69 21.11
C ARG B 75 21.02 -0.73 21.01
N PHE B 76 22.22 -0.87 20.47
CA PHE B 76 22.87 -2.18 20.18
C PHE B 76 24.10 -2.34 21.09
N ALA B 77 24.06 -1.71 22.28
CA ALA B 77 25.16 -1.71 23.27
C ALA B 77 25.62 -3.16 23.54
N ASP B 78 24.68 -4.10 23.70
CA ASP B 78 24.96 -5.47 24.24
C ASP B 78 24.83 -6.51 23.10
N ASP B 79 24.93 -6.12 21.82
CA ASP B 79 24.72 -6.98 20.62
C ASP B 79 26.03 -7.19 19.84
N ASP B 80 26.44 -8.45 19.77
CA ASP B 80 27.81 -8.88 19.38
C ASP B 80 27.86 -9.04 17.87
N GLN B 81 26.72 -9.28 17.24
CA GLN B 81 26.63 -9.61 15.79
C GLN B 81 26.29 -8.35 14.99
N VAL B 82 26.62 -7.16 15.53
CA VAL B 82 26.20 -5.83 14.99
C VAL B 82 27.44 -4.95 14.82
N ALA B 83 27.82 -4.64 13.59
CA ALA B 83 28.86 -3.65 13.26
C ALA B 83 28.23 -2.37 12.71
N ILE B 84 29.00 -1.28 12.73
CA ILE B 84 28.67 0.10 12.27
C ILE B 84 29.68 0.50 11.20
N ARG B 85 29.22 1.23 10.20
CA ARG B 85 30.12 1.79 9.16
C ARG B 85 29.67 3.22 8.86
N VAL B 86 30.50 4.22 9.17
CA VAL B 86 30.17 5.63 8.79
C VAL B 86 30.46 5.80 7.30
N ALA B 87 29.44 6.04 6.49
CA ALA B 87 29.68 6.12 5.04
C ALA B 87 28.51 6.78 4.30
N ASP B 88 28.82 7.55 3.25
CA ASP B 88 27.79 8.18 2.40
C ASP B 88 27.27 7.09 1.43
N HIS B 89 25.99 7.14 1.08
CA HIS B 89 25.37 6.37 -0.02
C HIS B 89 26.25 6.48 -1.26
N LEU B 90 26.92 7.60 -1.50
CA LEU B 90 27.73 7.78 -2.75
C LEU B 90 29.10 7.14 -2.64
N ASP B 91 29.54 6.79 -1.41
CA ASP B 91 30.86 6.10 -1.19
C ASP B 91 30.74 4.62 -1.61
N GLU B 92 31.91 4.00 -1.86
CA GLU B 92 31.94 2.55 -2.22
C GLU B 92 31.22 1.76 -1.13
N LEU B 93 30.25 0.91 -1.55
CA LEU B 93 29.53 0.08 -0.57
C LEU B 93 30.47 -1.01 -0.05
N PRO B 94 30.25 -1.53 1.19
CA PRO B 94 31.04 -2.65 1.70
C PRO B 94 30.89 -3.84 0.75
N ALA B 95 31.91 -4.70 0.70
CA ALA B 95 32.02 -5.77 -0.32
C ALA B 95 30.95 -6.83 -0.06
N GLY B 96 30.74 -7.22 1.19
CA GLY B 96 29.91 -8.41 1.46
C GLY B 96 30.49 -9.66 0.78
N PRO B 97 29.67 -10.57 0.21
CA PRO B 97 28.27 -10.30 -0.11
C PRO B 97 27.28 -10.26 1.10
N PHE B 98 26.10 -9.71 0.82
CA PHE B 98 24.92 -9.73 1.72
C PHE B 98 23.73 -10.46 1.14
N ASP B 99 22.94 -10.99 2.04
CA ASP B 99 21.70 -11.72 1.68
C ASP B 99 20.62 -10.65 1.50
N ALA B 100 20.68 -9.53 2.28
CA ALA B 100 19.69 -8.43 2.24
C ALA B 100 20.38 -7.08 2.41
N VAL B 101 19.93 -6.09 1.66
CA VAL B 101 20.25 -4.66 1.88
C VAL B 101 18.91 -3.97 2.03
N VAL B 102 18.74 -3.32 3.16
CA VAL B 102 17.43 -2.75 3.57
C VAL B 102 17.71 -1.27 3.72
N SER B 103 16.69 -0.48 3.52
CA SER B 103 16.76 0.97 3.76
C SER B 103 15.41 1.53 4.22
N ALA B 104 15.46 2.46 5.20
CA ALA B 104 14.26 3.21 5.66
C ALA B 104 14.52 4.72 5.64
N LEU B 105 13.77 5.40 4.78
CA LEU B 105 13.59 6.88 4.85
C LEU B 105 14.95 7.55 4.69
N SER B 106 15.72 7.12 3.70
CA SER B 106 17.07 7.68 3.45
C SER B 106 17.36 7.96 1.97
N ILE B 107 17.04 7.02 1.06
CA ILE B 107 17.46 7.14 -0.39
C ILE B 107 16.77 8.34 -1.02
N HIS B 108 15.60 8.75 -0.50
CA HIS B 108 14.83 9.91 -1.03
C HIS B 108 15.62 11.22 -0.84
N HIS B 109 16.79 11.16 -0.23
CA HIS B 109 17.63 12.35 0.03
C HIS B 109 18.65 12.51 -1.09
N LEU B 110 18.66 11.54 -2.02
CA LEU B 110 19.61 11.58 -3.17
C LEU B 110 18.93 12.18 -4.43
N GLU B 111 19.74 12.79 -5.32
CA GLU B 111 19.27 13.15 -6.69
C GLU B 111 18.93 11.87 -7.45
N HIS B 112 17.97 11.92 -8.37
CA HIS B 112 17.34 10.75 -9.03
C HIS B 112 18.40 9.88 -9.73
N GLN B 113 19.37 10.50 -10.38
CA GLN B 113 20.41 9.72 -11.10
C GLN B 113 21.29 9.00 -10.07
N ASP B 114 21.59 9.64 -8.93
CA ASP B 114 22.36 8.94 -7.84
C ASP B 114 21.47 7.88 -7.17
N LYS B 115 20.15 8.01 -7.22
CA LYS B 115 19.25 6.90 -6.83
C LYS B 115 19.43 5.71 -7.79
N GLN B 116 19.37 5.95 -9.11
CA GLN B 116 19.49 4.84 -10.08
C GLN B 116 20.84 4.14 -9.98
N ASP B 117 21.91 4.93 -9.77
CA ASP B 117 23.33 4.47 -9.68
C ASP B 117 23.48 3.63 -8.43
N LEU B 118 22.83 4.02 -7.32
CA LEU B 118 22.93 3.28 -6.04
C LEU B 118 22.23 1.90 -6.19
N PHE B 119 21.06 1.87 -6.81
CA PHE B 119 20.34 0.59 -7.02
C PHE B 119 21.26 -0.41 -7.76
N THR B 120 21.97 0.08 -8.77
CA THR B 120 22.90 -0.76 -9.59
C THR B 120 24.06 -1.28 -8.73
N ARG B 121 24.67 -0.39 -7.94
CA ARG B 121 25.83 -0.77 -7.08
C ARG B 121 25.35 -1.73 -5.99
N ILE B 122 24.13 -1.53 -5.50
CA ILE B 122 23.56 -2.39 -4.41
C ILE B 122 23.40 -3.82 -4.92
N ARG B 123 23.06 -3.98 -6.20
CA ARG B 123 22.78 -5.36 -6.71
C ARG B 123 24.06 -6.18 -6.78
N LYS B 124 25.18 -5.52 -7.09
CA LYS B 124 26.53 -6.09 -7.16
C LYS B 124 26.94 -6.65 -5.80
N ILE B 125 26.50 -6.12 -4.65
CA ILE B 125 26.97 -6.67 -3.34
C ILE B 125 25.97 -7.68 -2.79
N LEU B 126 24.88 -7.95 -3.51
CA LEU B 126 23.85 -8.92 -3.07
C LEU B 126 24.20 -10.27 -3.64
N ARG B 127 24.08 -11.34 -2.85
CA ARG B 127 24.26 -12.73 -3.33
C ARG B 127 23.18 -12.97 -4.39
N PRO B 128 23.32 -13.98 -5.26
CA PRO B 128 22.22 -14.40 -6.16
C PRO B 128 20.93 -14.80 -5.45
N GLY B 129 19.79 -14.22 -5.78
CA GLY B 129 18.52 -14.37 -5.04
C GLY B 129 18.44 -13.47 -3.82
N GLY B 130 19.41 -12.61 -3.58
CA GLY B 130 19.40 -11.62 -2.47
C GLY B 130 18.31 -10.60 -2.70
N ILE B 131 17.95 -9.88 -1.63
CA ILE B 131 16.78 -8.96 -1.73
C ILE B 131 17.06 -7.54 -1.25
N PHE B 132 16.72 -6.55 -2.07
CA PHE B 132 16.74 -5.11 -1.70
C PHE B 132 15.33 -4.63 -1.30
N VAL B 133 15.26 -4.09 -0.02
CA VAL B 133 13.97 -3.63 0.54
C VAL B 133 14.08 -2.14 0.91
N ASN B 134 13.08 -1.32 0.43
CA ASN B 134 13.12 0.13 0.75
C ASN B 134 11.80 0.55 1.36
N VAL B 135 11.81 0.98 2.63
CA VAL B 135 10.68 1.71 3.28
C VAL B 135 10.85 3.23 3.06
N GLU B 136 10.01 3.83 2.23
CA GLU B 136 10.41 5.09 1.56
C GLU B 136 9.28 6.11 1.56
N GLN B 137 9.69 7.39 1.62
CA GLN B 137 8.81 8.56 1.31
C GLN B 137 8.70 8.73 -0.23
N VAL B 138 7.52 8.59 -0.82
CA VAL B 138 7.30 8.62 -2.29
C VAL B 138 6.45 9.84 -2.67
N LEU B 139 6.68 10.40 -3.87
CA LEU B 139 5.88 11.55 -4.35
C LEU B 139 4.72 10.99 -5.18
N ALA B 140 3.53 11.59 -5.12
CA ALA B 140 2.38 11.21 -5.98
C ALA B 140 2.70 11.48 -7.44
N PRO B 141 2.01 10.81 -8.38
CA PRO B 141 2.26 11.00 -9.82
C PRO B 141 1.74 12.31 -10.40
N THR B 142 0.89 13.05 -9.68
CA THR B 142 0.37 14.37 -10.13
C THR B 142 0.48 15.39 -8.98
N SER B 143 0.42 16.69 -9.30
CA SER B 143 0.47 17.73 -8.27
C SER B 143 -0.85 17.70 -7.50
N GLU B 144 -1.97 17.45 -8.09
CA GLU B 144 -3.27 17.40 -7.36
C GLU B 144 -3.26 16.26 -6.34
N LEU B 145 -2.72 15.06 -6.76
CA LEU B 145 -2.63 13.91 -5.83
C LEU B 145 -1.59 14.18 -4.74
N GLU B 146 -0.45 14.77 -5.12
CA GLU B 146 0.58 15.17 -4.10
C GLU B 146 -0.08 15.93 -2.95
N LYS B 147 -1.03 16.84 -3.28
CA LYS B 147 -1.79 17.66 -2.28
C LYS B 147 -2.59 16.70 -1.38
N MET B 148 -3.22 15.68 -1.99
CA MET B 148 -4.01 14.67 -1.25
C MET B 148 -3.11 13.79 -0.37
N TYR B 149 -1.97 13.33 -0.89
CA TYR B 149 -0.97 12.56 -0.10
C TYR B 149 -0.60 13.40 1.15
N ASP B 150 -0.42 14.71 0.95
CA ASP B 150 0.02 15.65 2.01
C ASP B 150 -1.10 15.76 3.06
N ARG B 151 -2.36 15.88 2.65
CA ARG B 151 -3.49 15.97 3.61
C ARG B 151 -3.63 14.66 4.38
N GLN B 152 -3.24 13.52 3.80
CA GLN B 152 -3.36 12.20 4.51
C GLN B 152 -2.23 12.07 5.52
N HIS B 153 -1.03 12.54 5.12
CA HIS B 153 0.13 12.51 6.05
C HIS B 153 -0.15 13.48 7.19
N GLU B 154 -0.82 14.58 6.89
CA GLU B 154 -1.06 15.65 7.91
C GLU B 154 -2.22 15.21 8.78
N ALA B 155 -3.20 14.49 8.20
CA ALA B 155 -4.32 13.84 8.94
C ALA B 155 -3.74 12.89 10.01
N HIS B 156 -2.89 11.94 9.63
CA HIS B 156 -2.33 11.00 10.64
C HIS B 156 -1.60 11.77 11.74
N VAL B 157 -0.78 12.78 11.41
CA VAL B 157 0.13 13.45 12.39
C VAL B 157 -0.75 14.06 13.48
N LEU B 158 -1.84 14.73 13.12
CA LEU B 158 -2.72 15.47 14.09
C LEU B 158 -3.57 14.47 14.88
N ALA B 159 -4.06 13.40 14.24
CA ALA B 159 -4.79 12.31 14.93
C ALA B 159 -3.85 11.59 15.93
N SER B 160 -2.53 11.69 15.71
CA SER B 160 -1.46 11.05 16.54
C SER B 160 -1.00 12.00 17.64
N ASP B 161 -1.61 13.18 17.74
CA ASP B 161 -1.37 14.15 18.83
C ASP B 161 0.10 14.55 18.84
N THR B 162 0.60 14.96 17.67
CA THR B 162 2.02 15.33 17.43
C THR B 162 2.30 16.70 18.06
N PRO B 163 3.33 16.84 18.91
CA PRO B 163 3.73 18.18 19.35
C PRO B 163 4.08 19.03 18.12
N ALA B 164 3.37 20.14 17.92
CA ALA B 164 3.50 21.02 16.74
C ALA B 164 4.96 21.42 16.49
N GLU B 165 5.73 21.76 17.52
CA GLU B 165 7.15 22.17 17.36
C GLU B 165 7.86 21.10 16.50
N GLU B 166 7.53 19.83 16.72
CA GLU B 166 8.13 18.66 16.01
C GLU B 166 7.59 18.53 14.58
N TRP B 167 6.35 18.81 14.28
CA TRP B 167 5.85 18.77 12.88
C TRP B 167 6.46 19.93 12.10
N ALA B 168 6.59 21.11 12.77
CA ALA B 168 7.24 22.30 12.19
C ALA B 168 8.58 21.89 11.57
N ALA B 169 9.39 21.21 12.39
CA ALA B 169 10.76 20.76 12.06
C ALA B 169 10.66 19.83 10.84
N GLY B 170 9.75 18.85 10.98
CA GLY B 170 9.39 17.86 9.96
C GLY B 170 9.18 18.54 8.62
N ARG B 171 8.33 19.57 8.58
CA ARG B 171 8.04 20.32 7.34
C ARG B 171 9.34 20.84 6.72
N GLU B 172 10.27 21.35 7.53
CA GLU B 172 11.50 21.96 6.97
C GLU B 172 12.43 20.88 6.40
N ARG B 173 12.77 19.88 7.19
CA ARG B 173 13.63 18.76 6.71
C ARG B 173 13.13 18.29 5.34
N MET B 174 11.82 18.41 5.11
CA MET B 174 11.11 17.92 3.90
C MET B 174 11.37 18.83 2.71
N LYS B 175 11.96 20.02 2.91
CA LYS B 175 12.31 20.96 1.80
C LYS B 175 13.53 20.47 1.02
N HIS B 176 14.38 19.63 1.63
CA HIS B 176 15.62 19.09 1.03
C HIS B 176 15.37 17.65 0.53
N ASP B 177 14.14 17.14 0.67
CA ASP B 177 13.74 15.80 0.20
C ASP B 177 13.67 15.83 -1.32
N ILE B 178 14.09 14.76 -1.97
CA ILE B 178 13.99 14.60 -3.47
C ILE B 178 13.19 13.33 -3.77
N PRO B 179 11.94 13.19 -3.29
CA PRO B 179 11.18 11.98 -3.55
C PRO B 179 10.80 11.80 -5.04
N ILE B 180 10.33 10.60 -5.43
CA ILE B 180 9.73 10.38 -6.77
C ILE B 180 8.72 9.25 -6.59
N ASP B 181 7.83 9.10 -7.56
CA ASP B 181 6.66 8.21 -7.38
C ASP B 181 7.18 6.81 -7.24
N VAL B 182 6.38 5.96 -6.62
CA VAL B 182 6.83 4.59 -6.30
C VAL B 182 7.03 3.73 -7.58
N GLU B 183 6.24 3.88 -8.65
CA GLU B 183 6.43 3.04 -9.87
C GLU B 183 7.71 3.41 -10.62
N THR B 184 8.09 4.69 -10.70
CA THR B 184 9.40 5.07 -11.29
C THR B 184 10.51 4.27 -10.58
N GLN B 185 10.59 4.36 -9.23
CA GLN B 185 11.65 3.73 -8.40
C GLN B 185 11.71 2.21 -8.68
N ILE B 186 10.56 1.52 -8.62
CA ILE B 186 10.40 0.06 -8.90
C ILE B 186 10.76 -0.35 -10.35
N GLN B 187 10.50 0.50 -11.32
CA GLN B 187 11.02 0.29 -12.67
C GLN B 187 12.55 0.32 -12.60
N TRP B 188 13.18 1.25 -11.85
CA TRP B 188 14.67 1.44 -11.77
C TRP B 188 15.35 0.20 -11.16
N LEU B 189 14.66 -0.50 -10.26
CA LEU B 189 15.13 -1.83 -9.79
C LEU B 189 15.20 -2.76 -10.98
N ARG B 190 14.19 -2.72 -11.86
CA ARG B 190 14.17 -3.70 -13.00
C ARG B 190 15.34 -3.26 -13.89
N ASP B 191 15.51 -1.98 -14.11
CA ASP B 191 16.56 -1.48 -15.03
C ASP B 191 17.93 -1.86 -14.49
N ALA B 192 18.13 -1.80 -13.16
CA ALA B 192 19.41 -2.09 -12.50
C ALA B 192 19.66 -3.60 -12.43
N GLY B 193 18.69 -4.40 -12.90
CA GLY B 193 18.85 -5.83 -13.24
C GLY B 193 18.20 -6.75 -12.20
N PHE B 194 17.43 -6.26 -11.24
CA PHE B 194 16.65 -7.16 -10.37
C PHE B 194 15.61 -7.86 -11.28
N THR B 195 15.48 -9.21 -11.07
CA THR B 195 14.56 -10.02 -11.90
C THR B 195 13.10 -9.72 -11.56
N THR B 196 12.79 -9.52 -10.30
CA THR B 196 11.43 -9.22 -9.79
C THR B 196 11.51 -7.98 -8.88
N ALA B 197 10.60 -7.01 -9.06
CA ALA B 197 10.40 -5.85 -8.15
C ALA B 197 8.90 -5.65 -7.91
N ASP B 198 8.52 -5.31 -6.67
CA ASP B 198 7.07 -5.24 -6.28
C ASP B 198 6.88 -4.25 -5.13
N CYS B 199 5.74 -3.59 -5.10
CA CYS B 199 5.37 -2.71 -3.97
C CYS B 199 4.54 -3.55 -3.01
N LEU B 200 5.03 -3.80 -1.83
CA LEU B 200 4.43 -4.73 -0.86
C LEU B 200 3.24 -4.08 -0.17
N ALA B 201 3.51 -2.94 0.43
CA ALA B 201 2.54 -2.18 1.21
C ALA B 201 2.77 -0.70 0.92
N LYS B 202 1.76 0.10 1.24
CA LYS B 202 1.69 1.52 0.90
C LYS B 202 0.58 2.19 1.72
N ASP B 203 0.81 3.45 2.04
CA ASP B 203 -0.12 4.32 2.78
C ASP B 203 0.17 5.70 2.22
N TRP B 204 -0.27 5.90 0.99
CA TRP B 204 -0.18 7.19 0.27
C TRP B 204 1.30 7.53 0.12
N ARG B 205 1.86 8.41 0.96
CA ARG B 205 3.25 8.96 0.83
C ARG B 205 4.33 8.00 1.36
N PHE B 206 3.97 6.98 2.12
CA PHE B 206 4.95 5.95 2.54
C PHE B 206 4.63 4.57 1.93
N ALA B 207 5.63 3.90 1.40
CA ALA B 207 5.52 2.60 0.69
C ALA B 207 6.70 1.73 1.03
N THR B 208 6.46 0.41 1.14
CA THR B 208 7.52 -0.60 1.24
C THR B 208 7.63 -1.30 -0.12
N TYR B 209 8.75 -1.20 -0.81
CA TYR B 209 9.04 -1.98 -2.04
C TYR B 209 10.33 -2.77 -1.92
N ALA B 210 10.49 -3.77 -2.80
CA ALA B 210 11.63 -4.72 -2.77
C ALA B 210 12.00 -5.16 -4.20
N GLY B 211 13.26 -5.54 -4.40
CA GLY B 211 13.60 -6.31 -5.60
C GLY B 211 14.45 -7.49 -5.28
N TRP B 212 14.36 -8.51 -6.15
CA TRP B 212 15.07 -9.79 -5.95
C TRP B 212 16.09 -9.93 -7.07
N ASN B 213 17.29 -10.36 -6.68
CA ASN B 213 18.47 -10.58 -7.55
C ASN B 213 18.51 -12.05 -8.06
N GLY B 214 17.60 -12.42 -8.94
CA GLY B 214 17.68 -13.74 -9.58
C GLY B 214 16.34 -14.45 -9.51
N SER B 215 15.63 -14.30 -8.38
CA SER B 215 14.27 -14.86 -8.14
C SER B 215 13.15 -13.91 -8.61
N SAH C . -18.72 -4.53 -1.42
CA SAH C . -19.01 -5.61 -0.43
CB SAH C . -19.19 -6.98 -1.15
CG SAH C . -17.95 -7.79 -1.37
SD SAH C . -18.35 -9.49 -1.99
C SAH C . -17.90 -5.60 0.64
O SAH C . -16.85 -5.04 0.31
OXT SAH C . -17.96 -5.96 1.84
C5' SAH C . -18.50 -9.21 -3.77
C4' SAH C . -19.92 -8.93 -4.22
O4' SAH C . -19.90 -8.88 -5.66
C3' SAH C . -21.00 -9.95 -3.84
O3' SAH C . -22.10 -9.29 -3.18
C2' SAH C . -21.40 -10.58 -5.18
O2' SAH C . -22.73 -11.00 -5.22
C1' SAH C . -21.08 -9.46 -6.16
N9 SAH C . -20.79 -9.92 -7.52
C8 SAH C . -19.91 -10.88 -7.92
N7 SAH C . -19.83 -11.02 -9.23
C5 SAH C . -20.69 -10.07 -9.72
C6 SAH C . -21.08 -9.69 -11.02
N6 SAH C . -20.60 -10.24 -12.13
N1 SAH C . -21.96 -8.69 -11.15
C2 SAH C . -22.47 -8.13 -10.05
N3 SAH C . -22.20 -8.39 -8.79
C4 SAH C . -21.29 -9.38 -8.69
C1 EDO D . -6.41 13.98 -8.65
O1 EDO D . -6.93 14.97 -9.50
C2 EDO D . -5.12 13.54 -9.19
O2 EDO D . -5.17 13.40 -10.60
N SAH E . 16.61 4.60 8.77
CA SAH E . 16.27 5.32 10.00
CB SAH E . 16.50 6.83 9.86
CG SAH E . 15.76 7.49 8.73
SD SAH E . 16.26 9.21 8.73
C SAH E . 14.80 5.07 10.33
O SAH E . 14.16 4.07 9.90
OXT SAH E . 14.29 5.92 11.06
C5' SAH E . 17.35 9.59 7.31
C4' SAH E . 18.74 9.03 7.57
O4' SAH E . 19.44 8.86 6.32
C3' SAH E . 19.68 9.86 8.50
O3' SAH E . 20.25 8.93 9.42
C2' SAH E . 20.69 10.45 7.51
O2' SAH E . 21.99 10.65 7.99
C1' SAH E . 20.76 9.32 6.48
N9 SAH E . 21.27 9.74 5.20
C8 SAH E . 20.83 10.81 4.45
N7 SAH E . 21.54 11.02 3.37
C5 SAH E . 22.51 10.03 3.43
C6 SAH E . 23.56 9.73 2.56
N6 SAH E . 23.82 10.47 1.48
N1 SAH E . 24.36 8.69 2.88
C2 SAH E . 24.13 8.00 4.02
N3 SAH E . 23.14 8.18 4.89
C4 SAH E . 22.36 9.23 4.54
C1 EDO F . 9.62 -13.01 -6.58
O1 EDO F . 9.94 -14.16 -7.33
C2 EDO F . 9.74 -13.19 -5.12
O2 EDO F . 10.88 -13.93 -4.79
#